data_9CK0
#
_entry.id   9CK0
#
_cell.length_a   55.530
_cell.length_b   89.500
_cell.length_c   121.545
_cell.angle_alpha   90.000
_cell.angle_beta   90.000
_cell.angle_gamma   90.000
#
_symmetry.space_group_name_H-M   'C 2 2 21'
#
loop_
_entity.id
_entity.type
_entity.pdbx_description
1 polymer 'Peroxisome proliferator-activated receptor gamma'
2 polymer 'NF-kappa-B inhibitor beta'
3 non-polymer '(2~{S})-3-[4-[2-[methyl(pyridin-2-yl)amino]ethoxy]phenyl]-2-[[2-(phenylcarbonyl)phenyl]amino]propanoic acid'
#
loop_
_entity_poly.entity_id
_entity_poly.type
_entity_poly.pdbx_seq_one_letter_code
_entity_poly.pdbx_strand_id
1 'polypeptide(L)'
;GQLNPESADLRALAKHLYDSYIKSFPLTKAKARAILTGKTTDKSPFVIYDMNSLMMGEDKIKFKHITPLQEQSKEVAIRI
FQGCQFRSVEAVQEITEYAKSIPGFVNLDLNDQVTLLKYGVHEIIYTMLASLMNKDGVLISEGQGFMTREFLKSLRKPFG
DFMEPKFEFAVKFNALELDDSDLAIFIAVIILSGDRPGLLNVKPIEDIQDNLLQALELQLKLNHPESSQLFAKLLQKMTD
LRQIVTEHVQLLQVIKKTETDMSLHPLLQEIYKDLY
;
A
2 'polypeptide(L)' PLGSAMLRPNPILARLLRAHGAP B
#
# COMPACT_ATOMS: atom_id res chain seq x y z
N SER A 7 -7.83 9.55 -26.34
CA SER A 7 -7.13 9.19 -27.56
C SER A 7 -5.62 9.08 -27.34
N ALA A 8 -4.87 9.74 -28.23
CA ALA A 8 -3.41 9.80 -28.13
C ALA A 8 -2.96 10.45 -26.82
N ASP A 9 -3.63 11.52 -26.43
CA ASP A 9 -3.31 12.22 -25.19
C ASP A 9 -3.57 11.34 -23.98
N LEU A 10 -4.60 10.51 -24.02
CA LEU A 10 -4.87 9.62 -22.89
C LEU A 10 -3.73 8.62 -22.72
N ARG A 11 -3.19 8.12 -23.84
CA ARG A 11 -2.05 7.21 -23.78
C ARG A 11 -0.80 7.93 -23.25
N ALA A 12 -0.59 9.18 -23.69
CA ALA A 12 0.53 9.95 -23.18
C ALA A 12 0.41 10.15 -21.68
N LEU A 13 -0.82 10.36 -21.18
CA LEU A 13 -1.03 10.51 -19.75
C LEU A 13 -0.71 9.22 -19.02
N ALA A 14 -1.14 8.08 -19.57
CA ALA A 14 -0.81 6.79 -18.98
C ALA A 14 0.69 6.59 -18.88
N LYS A 15 1.42 6.93 -19.94
CA LYS A 15 2.87 6.72 -19.94
C LYS A 15 3.56 7.67 -18.96
N HIS A 16 3.10 8.92 -18.88
CA HIS A 16 3.62 9.86 -17.90
C HIS A 16 3.47 9.30 -16.49
N LEU A 17 2.28 8.78 -16.18
CA LEU A 17 2.03 8.23 -14.85
C LEU A 17 2.91 7.02 -14.60
N TYR A 18 3.10 6.17 -15.60
CA TYR A 18 3.95 4.99 -15.40
C TYR A 18 5.39 5.40 -15.09
N ASP A 19 5.91 6.40 -15.80
CA ASP A 19 7.26 6.88 -15.49
C ASP A 19 7.32 7.43 -14.06
N SER A 20 6.32 8.21 -13.66
CA SER A 20 6.30 8.73 -12.29
C SER A 20 6.22 7.59 -11.29
N TYR A 21 5.49 6.53 -11.62
CA TYR A 21 5.36 5.38 -10.73
C TYR A 21 6.71 4.67 -10.57
N ILE A 22 7.42 4.48 -11.67
CA ILE A 22 8.74 3.85 -11.61
C ILE A 22 9.71 4.69 -10.79
N LYS A 23 9.63 6.02 -10.94
CA LYS A 23 10.48 6.90 -10.16
C LYS A 23 10.11 6.92 -8.68
N SER A 24 8.82 6.81 -8.37
CA SER A 24 8.35 6.96 -6.99
C SER A 24 8.47 5.69 -6.16
N PHE A 25 8.33 4.50 -6.77
CA PHE A 25 8.27 3.26 -6.00
C PHE A 25 9.47 2.38 -6.33
N PRO A 26 10.43 2.27 -5.40
CA PRO A 26 11.67 1.53 -5.70
C PRO A 26 11.46 0.05 -6.01
N LEU A 27 10.58 -0.63 -5.29
CA LEU A 27 10.34 -2.06 -5.51
C LEU A 27 9.01 -2.22 -6.23
N THR A 28 9.08 -2.52 -7.53
CA THR A 28 7.92 -2.64 -8.40
C THR A 28 7.38 -4.06 -8.39
N LYS A 29 6.23 -4.23 -9.06
CA LYS A 29 5.69 -5.58 -9.19
C LYS A 29 6.58 -6.47 -10.05
N ALA A 30 7.17 -5.91 -11.11
CA ALA A 30 8.04 -6.71 -11.97
C ALA A 30 9.21 -7.29 -11.18
N LYS A 31 9.86 -6.46 -10.37
CA LYS A 31 10.98 -6.91 -9.56
C LYS A 31 10.51 -7.92 -8.52
N ALA A 32 9.39 -7.65 -7.91
CA ALA A 32 8.85 -8.54 -6.93
C ALA A 32 8.56 -9.90 -7.51
N ARG A 33 8.08 -9.96 -8.72
CA ARG A 33 7.77 -11.26 -9.28
C ARG A 33 9.01 -11.97 -9.69
N ALA A 34 10.01 -11.22 -10.09
CA ALA A 34 11.25 -11.82 -10.47
C ALA A 34 11.81 -12.50 -9.24
N ILE A 35 11.74 -11.82 -8.11
CA ILE A 35 12.24 -12.37 -6.84
C ILE A 35 11.40 -13.57 -6.41
N LEU A 36 10.08 -13.44 -6.44
CA LEU A 36 9.20 -14.50 -5.96
C LEU A 36 9.29 -15.77 -6.78
N THR A 37 9.61 -15.66 -8.07
CA THR A 37 9.66 -16.83 -8.93
C THR A 37 11.07 -17.38 -9.08
N GLY A 38 12.05 -16.77 -8.40
CA GLY A 38 13.41 -17.23 -8.48
C GLY A 38 14.09 -16.92 -9.80
N LYS A 39 13.59 -15.95 -10.55
CA LYS A 39 14.09 -15.59 -11.88
C LYS A 39 15.09 -14.44 -11.81
N THR A 40 15.64 -14.16 -10.63
CA THR A 40 16.65 -13.12 -10.45
C THR A 40 18.00 -13.76 -10.11
N THR A 41 19.06 -13.01 -10.39
CA THR A 41 20.41 -13.45 -10.05
C THR A 41 20.71 -13.26 -8.58
N ASP A 42 19.92 -12.42 -7.92
CA ASP A 42 20.14 -12.06 -6.54
C ASP A 42 19.96 -13.26 -5.60
N LYS A 43 20.69 -13.22 -4.50
CA LYS A 43 20.49 -14.16 -3.41
C LYS A 43 19.03 -14.16 -2.99
N SER A 44 18.45 -15.36 -2.88
CA SER A 44 17.05 -15.48 -2.52
C SER A 44 16.81 -14.94 -1.11
N PRO A 45 15.61 -14.39 -0.87
CA PRO A 45 15.33 -13.74 0.41
C PRO A 45 15.49 -14.71 1.58
N PHE A 46 15.87 -14.17 2.73
CA PHE A 46 15.82 -14.94 3.96
C PHE A 46 14.36 -15.15 4.34
N VAL A 47 14.00 -16.41 4.61
CA VAL A 47 12.62 -16.79 4.94
C VAL A 47 12.42 -16.81 6.45
N ILE A 48 11.45 -16.04 6.91
CA ILE A 48 10.98 -16.06 8.30
C ILE A 48 9.70 -16.88 8.30
N TYR A 49 9.80 -18.13 8.75
CA TYR A 49 8.67 -19.03 8.87
C TYR A 49 8.29 -19.38 10.31
N ASP A 50 9.05 -18.92 11.30
CA ASP A 50 8.81 -19.33 12.68
C ASP A 50 9.66 -18.43 13.59
N MET A 51 9.59 -18.70 14.89
CA MET A 51 10.25 -17.83 15.86
C MET A 51 11.77 -17.87 15.68
N ASN A 52 12.34 -19.05 15.42
CA ASN A 52 13.78 -19.17 15.27
C ASN A 52 14.27 -18.52 13.98
N SER A 53 13.57 -18.76 12.87
CA SER A 53 13.93 -18.11 11.62
C SER A 53 13.75 -16.61 11.76
N LEU A 54 12.78 -16.16 12.56
CA LEU A 54 12.66 -14.72 12.76
C LEU A 54 13.87 -14.22 13.53
N MET A 55 14.31 -14.96 14.55
CA MET A 55 15.52 -14.59 15.27
C MET A 55 16.68 -14.31 14.32
N MET A 56 17.12 -15.35 13.60
CA MET A 56 18.18 -15.19 12.61
C MET A 56 17.94 -14.03 11.63
N GLY A 57 16.87 -14.13 10.84
CA GLY A 57 16.47 -13.17 9.82
C GLY A 57 16.24 -11.74 10.30
N GLU A 58 16.04 -11.55 11.60
CA GLU A 58 15.48 -10.32 12.12
C GLU A 58 16.36 -9.11 11.82
N ASP A 59 17.68 -9.23 11.94
CA ASP A 59 18.49 -8.07 11.61
C ASP A 59 18.37 -7.67 10.15
N LYS A 60 17.88 -8.55 9.28
CA LYS A 60 17.56 -8.11 7.92
C LYS A 60 16.36 -7.18 7.83
N ILE A 61 15.53 -7.07 8.87
CA ILE A 61 14.35 -6.21 8.77
C ILE A 61 14.71 -4.74 8.89
N LYS A 62 14.16 -3.95 7.97
CA LYS A 62 14.60 -2.59 7.65
C LYS A 62 14.31 -1.65 8.82
N PHE A 63 14.99 -1.71 9.96
CA PHE A 63 14.48 -1.01 11.13
C PHE A 63 15.53 -0.09 11.74
N LYS A 64 15.18 1.20 11.91
CA LYS A 64 16.08 2.22 12.45
C LYS A 64 15.49 2.86 13.72
N HIS A 65 16.08 2.66 14.89
CA HIS A 65 15.42 3.18 16.08
C HIS A 65 16.47 3.35 17.19
N ILE A 66 16.03 3.65 18.42
CA ILE A 66 16.97 3.85 19.53
C ILE A 66 17.78 2.58 19.79
N THR A 67 17.12 1.44 19.87
CA THR A 67 17.80 0.17 20.09
C THR A 67 17.47 -0.75 18.92
N PRO A 68 18.29 -1.77 18.69
CA PRO A 68 17.98 -2.67 17.56
C PRO A 68 16.64 -3.34 17.80
N LEU A 69 16.07 -3.84 16.70
CA LEU A 69 14.75 -4.48 16.76
C LEU A 69 14.69 -5.56 17.84
N GLN A 70 15.77 -6.34 17.99
CA GLN A 70 15.78 -7.41 18.98
C GLN A 70 15.44 -6.91 20.39
N GLU A 71 15.82 -5.68 20.73
CA GLU A 71 15.64 -5.14 22.08
C GLU A 71 14.35 -4.35 22.25
N GLN A 72 13.50 -4.25 21.23
CA GLN A 72 12.30 -3.43 21.32
C GLN A 72 11.26 -4.05 22.22
N SER A 73 11.08 -5.39 22.14
CA SER A 73 10.15 -6.05 23.04
C SER A 73 10.50 -7.52 23.27
N LYS A 74 10.10 -8.03 24.44
CA LYS A 74 10.19 -9.46 24.70
C LYS A 74 9.14 -10.24 23.91
N GLU A 75 8.04 -9.59 23.53
CA GLU A 75 6.97 -10.22 22.74
C GLU A 75 7.33 -10.14 21.26
N VAL A 76 7.49 -11.28 20.60
CA VAL A 76 7.90 -11.29 19.19
C VAL A 76 6.87 -10.55 18.32
N ALA A 77 5.58 -10.76 18.63
CA ALA A 77 4.49 -10.14 17.88
C ALA A 77 4.56 -8.62 17.95
N ILE A 78 5.08 -8.10 19.05
CA ILE A 78 5.17 -6.65 19.19
C ILE A 78 6.30 -6.11 18.32
N ARG A 79 7.39 -6.89 18.21
CA ARG A 79 8.48 -6.52 17.31
C ARG A 79 8.03 -6.53 15.86
N ILE A 80 7.22 -7.51 15.47
CA ILE A 80 6.69 -7.52 14.10
C ILE A 80 5.82 -6.29 13.91
N PHE A 81 5.01 -5.95 14.91
CA PHE A 81 4.21 -4.73 14.86
C PHE A 81 5.07 -3.50 14.58
N GLN A 82 6.19 -3.36 15.28
CA GLN A 82 7.02 -2.18 15.04
C GLN A 82 7.68 -2.19 13.66
N GLY A 83 8.06 -3.37 13.16
CA GLY A 83 8.61 -3.44 11.81
C GLY A 83 7.62 -3.00 10.76
N CYS A 84 6.38 -3.50 10.89
CA CYS A 84 5.32 -3.13 9.95
C CYS A 84 5.01 -1.64 10.01
N GLN A 85 4.99 -1.07 11.22
CA GLN A 85 4.73 0.36 11.34
C GLN A 85 5.80 1.18 10.63
N PHE A 86 7.06 0.84 10.84
CA PHE A 86 8.15 1.58 10.21
C PHE A 86 8.02 1.52 8.69
N ARG A 87 7.76 0.32 8.16
CA ARG A 87 7.56 0.18 6.72
C ARG A 87 6.39 1.03 6.23
N SER A 88 5.28 1.05 6.98
CA SER A 88 4.10 1.80 6.52
C SER A 88 4.39 3.29 6.46
N VAL A 89 5.17 3.80 7.41
CA VAL A 89 5.54 5.22 7.38
C VAL A 89 6.31 5.53 6.08
N GLU A 90 7.30 4.69 5.77
CA GLU A 90 8.04 4.97 4.52
C GLU A 90 7.15 4.83 3.29
N ALA A 91 6.21 3.88 3.31
CA ALA A 91 5.28 3.71 2.20
C ALA A 91 4.39 4.94 2.01
N VAL A 92 3.94 5.54 3.11
CA VAL A 92 3.13 6.76 3.01
C VAL A 92 3.94 7.87 2.35
N GLN A 93 5.21 8.02 2.72
CA GLN A 93 6.07 9.01 2.07
C GLN A 93 6.15 8.77 0.56
N GLU A 94 6.30 7.50 0.18
CA GLU A 94 6.39 7.14 -1.23
C GLU A 94 5.13 7.49 -2.00
N ILE A 95 3.98 7.14 -1.43
CA ILE A 95 2.69 7.42 -2.05
C ILE A 95 2.46 8.92 -2.16
N THR A 96 2.90 9.68 -1.16
CA THR A 96 2.76 11.14 -1.25
C THR A 96 3.53 11.70 -2.44
N GLU A 97 4.78 11.25 -2.64
CA GLU A 97 5.53 11.71 -3.81
C GLU A 97 4.82 11.34 -5.11
N TYR A 98 4.35 10.10 -5.22
CA TYR A 98 3.62 9.74 -6.44
C TYR A 98 2.40 10.61 -6.63
N ALA A 99 1.61 10.80 -5.58
CA ALA A 99 0.39 11.61 -5.71
C ALA A 99 0.72 13.01 -6.21
N LYS A 100 1.79 13.62 -5.70
CA LYS A 100 2.10 14.96 -6.23
C LYS A 100 2.43 14.89 -7.71
N SER A 101 2.95 13.75 -8.18
CA SER A 101 3.28 13.70 -9.61
C SER A 101 2.05 13.60 -10.52
N ILE A 102 0.84 13.39 -9.99
CA ILE A 102 -0.36 13.16 -10.81
C ILE A 102 -0.90 14.45 -11.41
N PRO A 103 -0.97 14.55 -12.74
CA PRO A 103 -1.31 15.83 -13.37
C PRO A 103 -2.61 16.42 -12.83
N GLY A 104 -2.53 17.66 -12.38
CA GLY A 104 -3.64 18.37 -11.81
C GLY A 104 -3.70 18.32 -10.30
N PHE A 105 -2.98 17.37 -9.69
CA PHE A 105 -3.10 17.17 -8.24
C PHE A 105 -2.60 18.38 -7.47
N VAL A 106 -1.46 18.93 -7.89
CA VAL A 106 -0.86 20.03 -7.14
C VAL A 106 -1.63 21.34 -7.33
N ASN A 107 -2.58 21.37 -8.26
CA ASN A 107 -3.36 22.58 -8.45
C ASN A 107 -4.66 22.60 -7.66
N LEU A 108 -5.03 21.51 -6.97
CA LEU A 108 -6.19 21.58 -6.10
C LEU A 108 -5.87 22.36 -4.83
N ASP A 109 -6.93 22.80 -4.16
CA ASP A 109 -6.80 23.39 -2.84
C ASP A 109 -6.02 22.42 -1.96
N LEU A 110 -4.99 22.95 -1.28
CA LEU A 110 -4.08 22.14 -0.48
C LEU A 110 -4.83 21.30 0.55
N ASN A 111 -5.90 21.85 1.11
CA ASN A 111 -6.69 21.10 2.07
C ASN A 111 -7.38 19.89 1.42
N ASP A 112 -7.74 20.01 0.15
CA ASP A 112 -8.30 18.87 -0.56
C ASP A 112 -7.23 17.81 -0.83
N GLN A 113 -6.03 18.26 -1.19
CA GLN A 113 -4.91 17.34 -1.36
C GLN A 113 -4.69 16.53 -0.08
N VAL A 114 -4.74 17.20 1.08
CA VAL A 114 -4.53 16.49 2.35
C VAL A 114 -5.64 15.48 2.61
N THR A 115 -6.90 15.86 2.38
CA THR A 115 -8.00 14.92 2.61
C THR A 115 -7.89 13.69 1.69
N LEU A 116 -7.65 13.95 0.40
CA LEU A 116 -7.50 12.86 -0.56
C LEU A 116 -6.36 11.93 -0.17
N LEU A 117 -5.21 12.48 0.22
CA LEU A 117 -4.08 11.64 0.63
C LEU A 117 -4.43 10.80 1.85
N LYS A 118 -5.03 11.44 2.87
CA LYS A 118 -5.46 10.78 4.08
C LYS A 118 -6.21 9.50 3.74
N TYR A 119 -7.40 9.67 3.17
CA TYR A 119 -8.24 8.49 2.92
C TYR A 119 -7.65 7.54 1.89
N GLY A 120 -6.99 8.05 0.85
CA GLY A 120 -6.43 7.20 -0.20
C GLY A 120 -5.26 6.30 0.15
N VAL A 121 -4.36 6.76 1.02
CA VAL A 121 -3.06 6.10 1.15
C VAL A 121 -3.13 4.66 1.68
N HIS A 122 -4.03 4.34 2.62
CA HIS A 122 -4.10 2.94 3.04
C HIS A 122 -4.57 2.02 1.92
N GLU A 123 -5.57 2.47 1.16
CA GLU A 123 -6.05 1.68 0.03
C GLU A 123 -4.94 1.45 -0.98
N ILE A 124 -4.10 2.47 -1.20
CA ILE A 124 -3.01 2.31 -2.15
C ILE A 124 -1.96 1.35 -1.59
N ILE A 125 -1.70 1.44 -0.28
CA ILE A 125 -0.76 0.52 0.36
C ILE A 125 -1.21 -0.91 0.19
N TYR A 126 -2.51 -1.18 0.36
CA TYR A 126 -2.99 -2.55 0.22
C TYR A 126 -3.01 -3.01 -1.23
N THR A 127 -3.29 -2.11 -2.18
CA THR A 127 -3.12 -2.46 -3.58
C THR A 127 -1.71 -2.93 -3.89
N MET A 128 -0.71 -2.14 -3.48
CA MET A 128 0.68 -2.47 -3.83
C MET A 128 1.25 -3.61 -3.00
N LEU A 129 0.78 -3.81 -1.78
CA LEU A 129 1.22 -4.95 -0.96
C LEU A 129 0.98 -6.28 -1.67
N ALA A 130 -0.16 -6.41 -2.36
CA ALA A 130 -0.44 -7.60 -3.15
C ALA A 130 0.65 -7.90 -4.17
N SER A 131 1.26 -6.88 -4.77
CA SER A 131 2.38 -7.11 -5.68
C SER A 131 3.50 -7.87 -4.99
N LEU A 132 3.68 -7.71 -3.69
CA LEU A 132 4.74 -8.38 -2.96
C LEU A 132 4.34 -9.73 -2.37
N MET A 133 3.13 -10.19 -2.65
CA MET A 133 2.61 -11.39 -2.01
C MET A 133 2.43 -12.54 -3.00
N ASN A 134 2.59 -13.76 -2.50
CA ASN A 134 2.00 -14.95 -3.12
C ASN A 134 1.15 -15.62 -2.05
N LYS A 135 0.60 -16.79 -2.37
CA LYS A 135 -0.30 -17.43 -1.44
C LYS A 135 0.41 -17.89 -0.17
N ASP A 136 1.74 -18.02 -0.19
CA ASP A 136 2.49 -18.51 0.95
C ASP A 136 3.17 -17.44 1.80
N GLY A 137 3.17 -16.18 1.40
CA GLY A 137 3.80 -15.17 2.22
C GLY A 137 4.05 -13.88 1.45
N VAL A 138 4.83 -13.00 2.08
CA VAL A 138 5.02 -11.64 1.58
C VAL A 138 6.49 -11.23 1.64
N LEU A 139 6.95 -10.56 0.57
CA LEU A 139 8.28 -9.98 0.52
C LEU A 139 8.40 -8.80 1.47
N ILE A 140 9.52 -8.73 2.19
CA ILE A 140 9.79 -7.64 3.13
C ILE A 140 11.19 -7.12 2.87
N SER A 141 11.46 -5.92 3.41
CA SER A 141 12.75 -5.25 3.37
C SER A 141 13.29 -5.14 1.94
N GLU A 142 12.47 -4.54 1.07
CA GLU A 142 12.87 -4.28 -0.32
C GLU A 142 13.27 -5.57 -1.04
N GLY A 143 12.59 -6.66 -0.71
CA GLY A 143 12.81 -7.96 -1.33
C GLY A 143 13.88 -8.81 -0.71
N GLN A 144 14.54 -8.36 0.36
CA GLN A 144 15.60 -9.15 0.97
C GLN A 144 15.06 -10.15 1.98
N GLY A 145 13.75 -10.17 2.21
CA GLY A 145 13.18 -11.09 3.18
C GLY A 145 11.83 -11.57 2.68
N PHE A 146 11.40 -12.69 3.24
CA PHE A 146 10.10 -13.27 2.91
C PHE A 146 9.52 -13.80 4.21
N MET A 147 8.38 -13.26 4.63
CA MET A 147 7.73 -13.70 5.86
C MET A 147 6.53 -14.55 5.46
N THR A 148 6.42 -15.75 6.05
CA THR A 148 5.38 -16.68 5.64
C THR A 148 4.01 -16.31 6.21
N ARG A 149 2.99 -16.61 5.42
CA ARG A 149 1.61 -16.41 5.84
C ARG A 149 1.28 -17.22 7.12
N GLU A 150 1.74 -18.46 7.17
CA GLU A 150 1.54 -19.31 8.33
C GLU A 150 2.11 -18.67 9.59
N PHE A 151 3.34 -18.16 9.51
CA PHE A 151 3.95 -17.53 10.68
C PHE A 151 3.15 -16.33 11.12
N LEU A 152 2.67 -15.53 10.18
CA LEU A 152 1.87 -14.37 10.54
C LEU A 152 0.57 -14.81 11.19
N LYS A 153 -0.03 -15.89 10.70
CA LYS A 153 -1.27 -16.42 11.28
C LYS A 153 -1.05 -17.01 12.66
N SER A 154 0.18 -17.41 13.00
CA SER A 154 0.44 -18.05 14.28
C SER A 154 0.68 -17.07 15.42
N LEU A 155 0.74 -15.78 15.15
CA LEU A 155 0.95 -14.80 16.21
C LEU A 155 -0.27 -14.73 17.12
N ARG A 156 -0.03 -14.43 18.39
CA ARG A 156 -1.13 -14.39 19.35
C ARG A 156 -2.11 -13.29 18.99
N LYS A 157 -3.37 -13.50 19.36
CA LYS A 157 -4.39 -12.48 19.16
C LYS A 157 -4.01 -11.21 19.94
N PRO A 158 -4.40 -10.02 19.45
CA PRO A 158 -5.09 -9.63 18.21
C PRO A 158 -4.24 -9.72 16.95
N PHE A 159 -2.92 -9.88 17.11
CA PHE A 159 -1.99 -9.69 16.00
C PHE A 159 -2.12 -10.77 14.95
N GLY A 160 -2.69 -11.92 15.32
CA GLY A 160 -2.82 -13.04 14.42
C GLY A 160 -3.74 -12.79 13.25
N ASP A 161 -4.71 -11.89 13.38
CA ASP A 161 -5.64 -11.66 12.30
C ASP A 161 -5.31 -10.46 11.41
N PHE A 162 -4.20 -9.78 11.66
CA PHE A 162 -3.84 -8.61 10.86
C PHE A 162 -3.72 -8.90 9.36
N MET A 163 -2.88 -9.87 8.99
CA MET A 163 -2.55 -10.06 7.58
C MET A 163 -3.48 -10.99 6.79
N GLU A 164 -4.31 -11.80 7.46
CA GLU A 164 -5.07 -12.79 6.68
C GLU A 164 -6.04 -12.18 5.68
N PRO A 165 -6.78 -11.11 5.98
CA PRO A 165 -7.61 -10.52 4.93
C PRO A 165 -6.78 -9.92 3.80
N LYS A 166 -5.55 -9.50 4.09
CA LYS A 166 -4.71 -8.96 3.03
C LYS A 166 -4.23 -10.07 2.10
N PHE A 167 -3.88 -11.24 2.64
CA PHE A 167 -3.49 -12.36 1.80
C PHE A 167 -4.67 -12.84 0.97
N GLU A 168 -5.86 -12.86 1.57
CA GLU A 168 -7.07 -13.29 0.87
C GLU A 168 -7.40 -12.34 -0.28
N PHE A 169 -7.41 -11.03 0.00
CA PHE A 169 -7.54 -10.04 -1.06
C PHE A 169 -6.48 -10.23 -2.14
N ALA A 170 -5.23 -10.42 -1.74
CA ALA A 170 -4.12 -10.48 -2.68
C ALA A 170 -4.24 -11.65 -3.66
N VAL A 171 -4.70 -12.81 -3.20
CA VAL A 171 -4.84 -13.93 -4.14
C VAL A 171 -5.79 -13.56 -5.30
N LYS A 172 -6.98 -13.04 -4.97
CA LYS A 172 -7.90 -12.61 -6.03
C LYS A 172 -7.34 -11.46 -6.84
N PHE A 173 -6.74 -10.46 -6.19
CA PHE A 173 -6.27 -9.30 -6.94
C PHE A 173 -5.17 -9.72 -7.91
N ASN A 174 -4.23 -10.54 -7.46
CA ASN A 174 -3.15 -11.02 -8.33
C ASN A 174 -3.70 -11.87 -9.46
N ALA A 175 -4.85 -12.52 -9.24
CA ALA A 175 -5.47 -13.27 -10.32
C ALA A 175 -5.80 -12.39 -11.53
N LEU A 176 -5.99 -11.08 -11.33
CA LEU A 176 -6.20 -10.15 -12.44
C LEU A 176 -4.98 -9.96 -13.34
N GLU A 177 -3.80 -10.42 -12.91
CA GLU A 177 -2.57 -10.36 -13.70
C GLU A 177 -2.27 -8.95 -14.23
N LEU A 178 -2.49 -7.93 -13.41
CA LEU A 178 -2.13 -6.57 -13.76
C LEU A 178 -0.61 -6.37 -13.81
N ASP A 179 -0.16 -5.40 -14.60
CA ASP A 179 1.23 -4.99 -14.56
C ASP A 179 1.38 -3.58 -13.99
N ASP A 180 2.64 -3.12 -13.92
CA ASP A 180 2.95 -1.84 -13.30
C ASP A 180 2.28 -0.67 -14.02
N SER A 181 2.17 -0.74 -15.35
CA SER A 181 1.52 0.34 -16.10
C SER A 181 0.04 0.43 -15.76
N ASP A 182 -0.65 -0.71 -15.75
CA ASP A 182 -2.02 -0.78 -15.24
C ASP A 182 -2.15 -0.20 -13.84
N LEU A 183 -1.29 -0.67 -12.93
CA LEU A 183 -1.36 -0.29 -11.52
C LEU A 183 -1.14 1.19 -11.30
N ALA A 184 -0.23 1.82 -12.04
CA ALA A 184 -0.01 3.26 -11.85
C ALA A 184 -1.31 4.05 -12.01
N ILE A 185 -2.07 3.73 -13.07
CA ILE A 185 -3.33 4.42 -13.28
C ILE A 185 -4.36 3.99 -12.24
N PHE A 186 -4.44 2.70 -11.93
CA PHE A 186 -5.39 2.25 -10.91
C PHE A 186 -5.22 3.00 -9.59
N ILE A 187 -3.98 3.10 -9.12
CA ILE A 187 -3.71 3.80 -7.86
C ILE A 187 -4.05 5.28 -7.99
N ALA A 188 -3.68 5.91 -9.11
CA ALA A 188 -4.08 7.30 -9.31
C ALA A 188 -5.60 7.45 -9.22
N VAL A 189 -6.34 6.52 -9.82
CA VAL A 189 -7.80 6.54 -9.70
C VAL A 189 -8.25 6.46 -8.25
N ILE A 190 -7.65 5.60 -7.46
CA ILE A 190 -8.05 5.49 -6.09
C ILE A 190 -7.81 6.77 -5.33
N ILE A 191 -6.70 7.42 -5.57
CA ILE A 191 -6.38 8.63 -4.85
C ILE A 191 -7.40 9.73 -5.04
N LEU A 192 -7.78 9.96 -6.29
CA LEU A 192 -8.75 10.97 -6.69
C LEU A 192 -10.21 10.60 -6.55
N SER A 193 -10.60 10.00 -5.43
CA SER A 193 -11.95 9.61 -5.20
C SER A 193 -12.62 10.84 -4.71
N GLY A 194 -13.79 11.12 -5.24
CA GLY A 194 -14.51 12.32 -4.86
C GLY A 194 -15.48 12.13 -3.75
N ASP A 195 -15.58 10.91 -3.28
CA ASP A 195 -16.56 10.65 -2.23
C ASP A 195 -15.92 10.64 -0.85
N ARG A 196 -14.66 10.99 -0.74
CA ARG A 196 -14.01 11.09 0.56
C ARG A 196 -14.72 12.10 1.46
N PRO A 197 -14.97 11.77 2.72
CA PRO A 197 -15.63 12.69 3.64
C PRO A 197 -14.86 13.99 3.78
N GLY A 198 -15.57 15.10 3.68
CA GLY A 198 -14.96 16.39 3.91
C GLY A 198 -14.29 17.08 2.74
N LEU A 199 -14.39 16.57 1.52
CA LEU A 199 -13.78 17.28 0.41
C LEU A 199 -14.55 18.59 0.24
N LEU A 200 -13.82 19.70 0.21
CA LEU A 200 -14.49 20.99 0.13
C LEU A 200 -14.97 21.31 -1.28
N ASN A 201 -14.06 21.21 -2.25
CA ASN A 201 -14.31 21.47 -3.66
C ASN A 201 -14.15 20.17 -4.48
N VAL A 202 -15.30 19.58 -4.86
CA VAL A 202 -15.40 18.27 -5.50
C VAL A 202 -15.22 18.26 -7.03
N LYS A 203 -15.77 19.24 -7.79
CA LYS A 203 -15.74 19.13 -9.25
C LYS A 203 -14.38 18.94 -9.94
N PRO A 204 -13.30 19.65 -9.60
CA PRO A 204 -12.03 19.37 -10.29
C PRO A 204 -11.54 17.96 -10.03
N ILE A 205 -11.74 17.49 -8.81
CA ILE A 205 -11.37 16.11 -8.46
C ILE A 205 -12.18 15.15 -9.30
N GLU A 206 -13.51 15.36 -9.38
CA GLU A 206 -14.34 14.51 -10.24
C GLU A 206 -13.88 14.52 -11.70
N ASP A 207 -13.48 15.67 -12.27
CA ASP A 207 -12.97 15.65 -13.64
C ASP A 207 -11.70 14.84 -13.78
N ILE A 208 -10.71 15.09 -12.91
CA ILE A 208 -9.47 14.34 -12.99
C ILE A 208 -9.72 12.85 -12.83
N GLN A 209 -10.54 12.46 -11.85
CA GLN A 209 -10.82 11.03 -11.70
C GLN A 209 -11.51 10.47 -12.94
N ASP A 210 -12.43 11.24 -13.53
CA ASP A 210 -13.05 10.79 -14.76
C ASP A 210 -12.01 10.52 -15.84
N ASN A 211 -11.11 11.49 -16.04
CA ASN A 211 -10.05 11.39 -17.05
C ASN A 211 -9.14 10.19 -16.80
N LEU A 212 -8.77 9.97 -15.55
CA LEU A 212 -7.92 8.84 -15.22
C LEU A 212 -8.64 7.54 -15.55
N LEU A 213 -9.96 7.50 -15.33
CA LEU A 213 -10.72 6.30 -15.63
C LEU A 213 -10.78 5.97 -17.12
N GLN A 214 -10.90 6.99 -18.00
CA GLN A 214 -10.80 6.68 -19.44
C GLN A 214 -9.41 6.16 -19.78
N ALA A 215 -8.37 6.81 -19.23
CA ALA A 215 -7.01 6.35 -19.51
C ALA A 215 -6.82 4.91 -19.06
N LEU A 216 -7.35 4.57 -17.88
CA LEU A 216 -7.28 3.20 -17.38
C LEU A 216 -8.00 2.24 -18.32
N GLU A 217 -9.20 2.61 -18.76
CA GLU A 217 -9.97 1.77 -19.68
C GLU A 217 -9.18 1.47 -20.93
N LEU A 218 -8.61 2.51 -21.54
CA LEU A 218 -7.80 2.34 -22.74
C LEU A 218 -6.59 1.46 -22.47
N GLN A 219 -5.90 1.69 -21.35
CA GLN A 219 -4.74 0.89 -21.00
C GLN A 219 -5.09 -0.60 -20.93
N LEU A 220 -6.21 -0.94 -20.27
CA LEU A 220 -6.54 -2.37 -20.15
C LEU A 220 -7.00 -2.94 -21.48
N LYS A 221 -7.64 -2.13 -22.32
CA LYS A 221 -8.03 -2.65 -23.63
C LYS A 221 -6.81 -2.95 -24.49
N LEU A 222 -5.79 -2.08 -24.43
CA LEU A 222 -4.59 -2.31 -25.23
C LEU A 222 -3.73 -3.44 -24.66
N ASN A 223 -3.51 -3.44 -23.34
CA ASN A 223 -2.59 -4.36 -22.69
C ASN A 223 -3.18 -5.75 -22.41
N HIS A 224 -4.49 -5.89 -22.31
CA HIS A 224 -5.13 -7.18 -22.03
C HIS A 224 -6.29 -7.45 -22.98
N PRO A 225 -6.02 -7.54 -24.28
CA PRO A 225 -7.12 -7.62 -25.26
C PRO A 225 -8.01 -8.84 -25.07
N GLU A 226 -7.50 -9.94 -24.53
CA GLU A 226 -8.31 -11.15 -24.38
C GLU A 226 -8.95 -11.30 -23.00
N SER A 227 -8.78 -10.32 -22.12
CA SER A 227 -9.39 -10.42 -20.79
C SER A 227 -10.64 -9.56 -20.80
N SER A 228 -11.80 -10.21 -20.89
CA SER A 228 -13.03 -9.48 -21.14
C SER A 228 -13.56 -8.87 -19.85
N GLN A 229 -13.98 -7.60 -19.92
CA GLN A 229 -14.52 -6.89 -18.77
C GLN A 229 -13.57 -6.84 -17.58
N LEU A 230 -12.27 -6.85 -17.87
CA LEU A 230 -11.25 -6.69 -16.84
C LEU A 230 -11.45 -5.40 -16.05
N PHE A 231 -11.76 -4.32 -16.77
CA PHE A 231 -12.05 -3.01 -16.18
C PHE A 231 -13.10 -3.08 -15.08
N ALA A 232 -14.23 -3.75 -15.34
CA ALA A 232 -15.29 -3.90 -14.34
C ALA A 232 -14.78 -4.60 -13.09
N LYS A 233 -14.05 -5.69 -13.28
CA LYS A 233 -13.49 -6.48 -12.19
C LYS A 233 -12.57 -5.63 -11.31
N LEU A 234 -11.77 -4.79 -11.97
CA LEU A 234 -10.82 -3.95 -11.25
C LEU A 234 -11.54 -2.86 -10.47
N LEU A 235 -12.59 -2.29 -11.08
CA LEU A 235 -13.41 -1.30 -10.40
C LEU A 235 -14.06 -1.88 -9.15
N GLN A 236 -14.54 -3.11 -9.23
CA GLN A 236 -15.14 -3.78 -8.07
C GLN A 236 -14.14 -4.01 -6.93
N LYS A 237 -12.84 -4.15 -7.25
CA LYS A 237 -11.81 -4.27 -6.22
C LYS A 237 -11.64 -3.07 -5.25
N MET A 238 -11.83 -1.83 -5.71
CA MET A 238 -11.73 -0.67 -4.81
C MET A 238 -12.63 -0.74 -3.57
N THR A 239 -13.88 -1.16 -3.73
CA THR A 239 -14.76 -1.26 -2.56
C THR A 239 -14.22 -2.30 -1.58
N ASP A 240 -13.78 -3.45 -2.10
CA ASP A 240 -13.10 -4.43 -1.26
C ASP A 240 -11.98 -3.79 -0.45
N LEU A 241 -11.14 -2.97 -1.11
CA LEU A 241 -10.07 -2.29 -0.38
C LEU A 241 -10.62 -1.46 0.78
N ARG A 242 -11.73 -0.74 0.55
CA ARG A 242 -12.33 0.02 1.65
C ARG A 242 -12.74 -0.87 2.83
N GLN A 243 -13.30 -2.04 2.54
CA GLN A 243 -13.65 -2.95 3.64
C GLN A 243 -12.41 -3.41 4.39
N ILE A 244 -11.34 -3.72 3.66
CA ILE A 244 -10.08 -4.11 4.29
C ILE A 244 -9.63 -3.03 5.26
N VAL A 245 -9.70 -1.76 4.83
CA VAL A 245 -9.25 -0.67 5.68
C VAL A 245 -10.14 -0.57 6.93
N THR A 246 -11.46 -0.66 6.75
CA THR A 246 -12.38 -0.61 7.89
C THR A 246 -12.08 -1.68 8.95
N GLU A 247 -11.93 -2.94 8.53
CA GLU A 247 -11.66 -4.01 9.48
C GLU A 247 -10.28 -3.87 10.11
N HIS A 248 -9.31 -3.36 9.35
CA HIS A 248 -7.97 -3.15 9.88
C HIS A 248 -8.02 -2.10 10.98
N VAL A 249 -8.78 -1.01 10.76
CA VAL A 249 -8.91 0.04 11.77
C VAL A 249 -9.56 -0.52 13.04
N GLN A 250 -10.58 -1.37 12.89
CA GLN A 250 -11.18 -1.98 14.07
C GLN A 250 -10.14 -2.79 14.86
N LEU A 251 -9.35 -3.62 14.18
CA LEU A 251 -8.30 -4.36 14.89
C LEU A 251 -7.30 -3.42 15.57
N LEU A 252 -6.91 -2.33 14.90
CA LEU A 252 -5.98 -1.39 15.49
C LEU A 252 -6.56 -0.78 16.76
N GLN A 253 -7.86 -0.50 16.73
CA GLN A 253 -8.55 0.03 17.90
C GLN A 253 -8.53 -0.98 19.05
N VAL A 254 -8.75 -2.26 18.73
CA VAL A 254 -8.57 -3.31 19.75
C VAL A 254 -7.19 -3.18 20.39
N ILE A 255 -6.14 -3.14 19.57
CA ILE A 255 -4.78 -3.05 20.10
C ILE A 255 -4.61 -1.83 21.01
N LYS A 256 -5.16 -0.68 20.61
CA LYS A 256 -5.00 0.51 21.44
C LYS A 256 -5.62 0.35 22.83
N LYS A 257 -6.84 -0.18 22.90
CA LYS A 257 -7.63 -0.50 24.09
C LYS A 257 -7.17 -1.71 24.89
N THR A 258 -6.18 -2.46 24.44
CA THR A 258 -5.82 -3.73 25.09
C THR A 258 -4.36 -3.89 25.51
N GLU A 259 -3.40 -3.43 24.72
CA GLU A 259 -1.99 -3.71 24.96
C GLU A 259 -1.25 -2.48 25.42
N THR A 260 -0.67 -2.63 26.61
CA THR A 260 0.09 -1.62 27.32
C THR A 260 0.99 -0.78 26.46
N ASP A 261 0.80 0.53 26.54
CA ASP A 261 1.58 1.49 25.79
C ASP A 261 1.71 1.14 24.33
N MET A 262 0.62 1.23 23.59
CA MET A 262 0.69 0.89 22.20
C MET A 262 0.46 2.06 21.30
N SER A 263 1.26 3.08 21.50
CA SER A 263 1.15 4.28 20.71
C SER A 263 1.73 4.05 19.34
N LEU A 264 1.25 4.79 18.38
CA LEU A 264 1.69 4.67 17.03
C LEU A 264 2.50 5.85 16.59
N HIS A 265 3.21 5.68 15.49
CA HIS A 265 3.95 6.77 14.91
C HIS A 265 3.03 7.96 14.62
N PRO A 266 3.49 9.19 14.89
CA PRO A 266 2.62 10.37 14.72
C PRO A 266 2.01 10.51 13.34
N LEU A 267 2.70 10.09 12.28
CA LEU A 267 2.09 10.16 10.96
C LEU A 267 0.89 9.23 10.85
N LEU A 268 1.02 7.99 11.34
CA LEU A 268 -0.11 7.08 11.29
C LEU A 268 -1.21 7.49 12.25
N GLN A 269 -0.84 8.01 13.42
CA GLN A 269 -1.83 8.55 14.35
C GLN A 269 -2.63 9.66 13.70
N GLU A 270 -1.94 10.59 13.01
CA GLU A 270 -2.59 11.65 12.28
C GLU A 270 -3.55 11.10 11.23
N ILE A 271 -3.14 10.05 10.52
CA ILE A 271 -3.97 9.51 9.46
C ILE A 271 -5.22 8.85 10.01
N TYR A 272 -5.08 8.11 11.12
CA TYR A 272 -6.25 7.41 11.63
C TYR A 272 -7.17 8.30 12.44
N LYS A 273 -6.66 9.40 12.99
CA LYS A 273 -7.48 10.27 13.83
C LYS A 273 -8.65 10.87 13.07
N ASP A 274 -9.86 10.66 13.58
CA ASP A 274 -11.08 11.15 12.95
C ASP A 274 -11.25 10.66 11.51
N LEU A 275 -10.75 9.47 11.21
CA LEU A 275 -10.89 8.94 9.86
C LEU A 275 -12.21 8.18 9.79
N TYR A 276 -13.12 8.66 8.95
CA TYR A 276 -14.50 8.19 8.88
C TYR A 276 -15.21 8.43 10.20
N PRO B 9 -5.48 20.75 11.33
CA PRO B 9 -4.71 19.60 11.80
C PRO B 9 -3.83 19.07 10.69
N ASN B 10 -3.43 17.81 10.82
CA ASN B 10 -2.56 17.13 9.87
C ASN B 10 -1.36 17.97 9.43
N PRO B 11 -0.57 18.52 10.38
CA PRO B 11 0.62 19.28 9.96
C PRO B 11 1.62 18.43 9.19
N ILE B 12 1.75 17.15 9.54
CA ILE B 12 2.77 16.32 8.93
C ILE B 12 2.43 16.00 7.48
N LEU B 13 1.16 15.73 7.19
CA LEU B 13 0.77 15.50 5.79
C LEU B 13 0.90 16.78 4.98
N ALA B 14 0.50 17.91 5.54
CA ALA B 14 0.62 19.18 4.83
C ALA B 14 2.08 19.52 4.54
N ARG B 15 2.98 19.19 5.48
CA ARG B 15 4.40 19.42 5.25
C ARG B 15 4.96 18.43 4.24
N LEU B 16 4.48 17.18 4.29
CA LEU B 16 4.89 16.21 3.27
C LEU B 16 4.40 16.61 1.89
N LEU B 17 3.30 17.35 1.83
CA LEU B 17 2.76 17.82 0.57
C LEU B 17 3.36 19.14 0.10
N ARG B 18 4.05 19.86 0.98
CA ARG B 18 4.70 21.11 0.62
C ARG B 18 6.21 20.86 0.55
N ALA B 19 6.71 20.60 -0.65
CA ALA B 19 8.14 20.46 -0.86
C ALA B 19 8.67 21.65 -1.66
#